data_1DDP
#
_entry.id   1DDP
#
_cell.length_a   1.000
_cell.length_b   1.000
_cell.length_c   1.000
_cell.angle_alpha   90.00
_cell.angle_beta   90.00
_cell.angle_gamma   90.00
#
_symmetry.space_group_name_H-M   'P 1'
#
loop_
_entity.id
_entity.type
_entity.pdbx_description
1 polymer "DNA (5'-D(*CP*AP*TP*AP*GP*CP*TP*AP*TP*G)-3')"
2 non-polymer Cisplatin
#
_entity_poly.entity_id   1
_entity_poly.type   'polydeoxyribonucleotide'
_entity_poly.pdbx_seq_one_letter_code
;(DC)(DA)(DT)(DA)(DG)(DC)(DT)(DA)(DT)(DG)
;
_entity_poly.pdbx_strand_id   A,B
#
loop_
_chem_comp.id
_chem_comp.type
_chem_comp.name
_chem_comp.formula
CPT non-polymer Cisplatin 'Cl2 H6 N2 Pt'
DA DNA linking 2'-DEOXYADENOSINE-5'-MONOPHOSPHATE 'C10 H14 N5 O6 P'
DC DNA linking 2'-DEOXYCYTIDINE-5'-MONOPHOSPHATE 'C9 H14 N3 O7 P'
DG DNA linking 2'-DEOXYGUANOSINE-5'-MONOPHOSPHATE 'C10 H14 N5 O7 P'
DT DNA linking THYMIDINE-5'-MONOPHOSPHATE 'C10 H15 N2 O8 P'
#
# COMPACT_ATOMS: atom_id res chain seq x y z
PT1 CPT C . 0.28 2.76 -0.06
N1 CPT C . 1.84 3.99 0.04
N2 CPT C . -0.80 4.20 -0.94
H11 CPT C . 2.41 3.78 0.84
H12 CPT C . 2.42 3.89 -0.78
H21 CPT C . -1.30 4.73 -0.24
H22 CPT C . -0.24 4.84 -1.48
H13 CPT C . 1.58 4.97 0.11
H23 CPT C . -1.48 3.80 -1.57
PT1 CPT C . 1.35 -0.35 -0.31
N1 CPT C . 1.68 -1.33 -2.01
N2 CPT C . 3.14 -0.93 0.36
H11 CPT C . 2.28 -2.14 -1.91
H12 CPT C . 0.82 -1.66 -2.41
H21 CPT C . 3.06 -1.80 0.88
H22 CPT C . 3.82 -1.09 -0.38
H13 CPT C . 2.10 -0.73 -2.71
H23 CPT C . 3.52 -0.25 0.99
PT1 CPT C . -0.94 -1.04 0.63
N1 CPT C . -1.48 -2.49 -0.63
N2 CPT C . -1.48 -2.17 2.17
H11 CPT C . -0.69 -3.08 -0.83
H12 CPT C . -2.22 -3.07 -0.27
H21 CPT C . -1.39 -3.17 1.99
H22 CPT C . -0.92 -1.97 2.98
H13 CPT C . -1.79 -2.10 -1.51
H23 CPT C . -2.45 -2.00 2.42
PT1 CPT C . 1.33 1.52 -0.41
N1 CPT C . 1.67 2.11 -2.28
N2 CPT C . 3.14 2.17 0.13
H11 CPT C . 2.65 2.09 -2.54
H12 CPT C . 1.19 1.52 -2.93
H21 CPT C . 3.16 2.48 1.09
H22 CPT C . 3.83 1.42 0.04
H13 CPT C . 1.34 3.05 -2.42
H23 CPT C . 3.47 2.94 -0.43
PT1 CPT C . 1.33 1.64 -0.38
N1 CPT C . 1.78 2.26 -2.22
N2 CPT C . 3.12 2.29 0.26
H11 CPT C . 2.77 2.24 -2.43
H12 CPT C . 1.32 1.68 -2.91
H21 CPT C . 3.47 3.07 -0.28
H22 CPT C . 3.06 2.58 1.22
H13 CPT C . 1.45 3.20 -2.37
H23 CPT C . 3.80 1.55 0.20
PT1 CPT C . 1.44 1.64 -0.45
N1 CPT C . 1.81 2.25 -2.32
N2 CPT C . 3.24 2.31 0.11
H11 CPT C . 1.33 1.66 -2.98
H12 CPT C . 1.47 3.18 -2.45
H21 CPT C . 3.93 1.57 0.03
H22 CPT C . 3.57 3.09 -0.43
H13 CPT C . 2.79 2.24 -2.56
H23 CPT C . 3.23 2.60 1.08
PT1 CPT C . -1.32 -0.74 0.57
N1 CPT C . -2.19 -1.60 2.15
N2 CPT C . -2.10 -2.13 -0.62
H11 CPT C . -1.65 -1.46 2.99
H12 CPT C . -3.10 -1.19 2.31
H21 CPT C . -2.98 -2.50 -0.28
H22 CPT C . -2.27 -1.75 -1.54
H13 CPT C . -2.33 -2.60 2.04
H23 CPT C . -1.46 -2.89 -0.73
PT1 CPT C . -1.41 -0.75 0.70
N1 CPT C . -2.27 -1.52 2.33
N2 CPT C . -2.30 -2.13 -0.42
H11 CPT C . -1.68 -1.38 3.14
H12 CPT C . -3.15 -1.05 2.52
H21 CPT C . -1.71 -2.94 -0.53
H22 CPT C . -3.19 -2.45 -0.04
H13 CPT C . -2.46 -2.50 2.26
H23 CPT C . -2.49 -1.77 -1.35
PT1 CPT C . -1.37 -0.72 0.67
N1 CPT C . -2.25 -1.50 2.29
N2 CPT C . -2.25 -2.09 -0.48
H11 CPT C . -2.43 -2.48 2.20
H12 CPT C . -1.67 -1.37 3.10
H21 CPT C . -1.66 -2.90 -0.58
H22 CPT C . -3.14 -2.41 -0.11
H13 CPT C . -3.13 -1.03 2.47
H23 CPT C . -2.42 -1.72 -1.40
PT1 CPT C . -1.29 -0.72 0.80
N1 CPT C . -2.10 -1.52 2.44
N2 CPT C . -2.20 -2.10 -0.31
H11 CPT C . -1.50 -1.39 3.24
H12 CPT C . -2.98 -1.06 2.66
H21 CPT C . -2.42 -1.74 -1.23
H22 CPT C . -1.60 -2.91 -0.44
H13 CPT C . -2.28 -2.51 2.37
H23 CPT C . -3.07 -2.43 0.09
#